data_5F9D
#
_entry.id   5F9D
#
_cell.length_a   119.180
_cell.length_b   135.090
_cell.length_c   127.330
_cell.angle_alpha   90.00
_cell.angle_beta   90.00
_cell.angle_gamma   90.00
#
_symmetry.space_group_name_H-M   'C 2 2 21'
#
loop_
_entity.id
_entity.type
_entity.pdbx_description
1 polymer 'Adhesin binding fucosylated histo-blood group antigen,Adhesin,Adhesin binding fucosylated histo-blood group antigen'
2 polymer 'Nanobody Nb-ER19'
3 branched alpha-L-fucopyranose-(1-2)-[alpha-D-galactopyranose-(1-3)]beta-D-galactopyranose-(1-3)-[alpha-L-fucopyranose-(1-4)]2-acetamido-2-deoxy-beta-D-glucopyranose-(1-3)-beta-D-galactopyranose-(1-4)-beta-D-glucopyranose
4 water water
#
loop_
_entity_poly.entity_id
_entity_poly.type
_entity_poly.pdbx_seq_one_letter_code
_entity_poly.pdbx_strand_id
1 'polypeptide(L)'
;ASWSHPQFEKSGGGGGLVPRGSGIQDLSDNYENLSKLLTRYSTLNTLIKLSADPSAINAARENLGASAKNLIGDTKNSPA
YQAVLLAINAAVGFWNVLGYATQCGGNANGQESTSSTTIFNNEPGYRSTSITCSLNRYKPGYYGPMSIENFKKLNEAYQI
LQTALNKGLPALKENNGTINVEYTYTCSGGGNTNCDPSLFGIGGDGRNGGSVTKTQTIDGKQVNTTISSKVVQPPHSAAY
TEITNALNGVPDSAQALLAQASTLINTINTACPYFSVTNKSGGPQMEPTRGKLCGFTEEISAIQKMITDAQELVNQTSVI
NEHEQSTPVGGNNGKPFNPFTDASFAQGMLANASAQAKMLNLAHQVGQTINPDNLTGTFKNFVTGFLATCNNKSTAGTSG
TQGSPPGTVTTQTFASGCAYVEQTITNLNNSIAHFGTQEQQIQQAENIADTLVNFGSHHHHHH
;
A
2 'polypeptide(L)'
;QVQLQESGGGLVQPGGSLRLSCAASGSIFSGNVMGWYRQAPGKLREWVAAITPQGVPNYADSVKGRFTISRDNAKNMLYL
QMSSLKPEDTALYYCNRLPNYRSWGQGTQVTVSSHHHHHH
;
C
#
# COMPACT_ATOMS: atom_id res chain seq x y z
N GLU A 32 -21.81 11.77 -37.38
CA GLU A 32 -22.34 12.70 -38.45
C GLU A 32 -22.16 14.20 -38.13
N ASN A 33 -23.03 14.78 -37.30
CA ASN A 33 -22.93 16.20 -36.98
C ASN A 33 -23.18 16.48 -35.51
N LEU A 34 -22.66 17.59 -35.03
CA LEU A 34 -22.51 17.74 -33.58
C LEU A 34 -23.82 17.71 -32.78
N SER A 35 -24.89 18.29 -33.32
CA SER A 35 -26.20 18.32 -32.64
C SER A 35 -26.78 16.94 -32.40
N LYS A 36 -26.87 16.14 -33.48
CA LYS A 36 -27.49 14.82 -33.36
C LYS A 36 -26.64 13.96 -32.44
N LEU A 37 -25.36 14.31 -32.32
CA LEU A 37 -24.47 13.72 -31.34
C LEU A 37 -24.71 14.19 -29.85
N LEU A 38 -24.91 15.48 -29.62
CA LEU A 38 -25.19 16.00 -28.28
C LEU A 38 -26.60 15.71 -27.76
N THR A 39 -27.52 15.42 -28.67
CA THR A 39 -28.86 14.85 -28.34
C THR A 39 -28.71 13.58 -27.46
N ARG A 40 -27.75 12.73 -27.83
CA ARG A 40 -27.55 11.45 -27.19
C ARG A 40 -26.66 11.58 -25.94
N TYR A 41 -25.58 12.39 -26.01
CA TYR A 41 -24.59 12.44 -24.94
C TYR A 41 -24.51 13.81 -24.33
N SER A 42 -25.46 14.17 -23.49
CA SER A 42 -25.55 15.57 -23.04
C SER A 42 -24.42 15.96 -22.07
N THR A 43 -23.88 15.02 -21.30
CA THR A 43 -22.72 15.37 -20.51
C THR A 43 -21.51 15.76 -21.37
N LEU A 44 -21.48 15.40 -22.65
CA LEU A 44 -20.45 15.94 -23.54
C LEU A 44 -20.66 17.45 -23.84
N ASN A 45 -21.88 17.86 -24.12
CA ASN A 45 -22.14 19.28 -24.30
C ASN A 45 -21.59 20.12 -23.10
N THR A 46 -21.87 19.68 -21.89
CA THR A 46 -21.40 20.36 -20.73
C THR A 46 -19.86 20.42 -20.65
N LEU A 47 -19.20 19.34 -21.05
CA LEU A 47 -17.73 19.26 -21.02
C LEU A 47 -17.08 20.26 -21.96
N ILE A 48 -17.61 20.37 -23.16
CA ILE A 48 -17.15 21.34 -24.16
C ILE A 48 -17.36 22.77 -23.69
N LYS A 49 -18.41 23.03 -22.94
CA LYS A 49 -18.66 24.33 -22.36
C LYS A 49 -17.59 24.71 -21.27
N LEU A 50 -17.28 23.77 -20.39
CA LEU A 50 -16.26 23.98 -19.38
C LEU A 50 -14.89 24.17 -20.01
N SER A 51 -14.63 23.47 -21.11
CA SER A 51 -13.33 23.53 -21.75
C SER A 51 -13.05 24.85 -22.38
N ALA A 52 -14.10 25.64 -22.59
CA ALA A 52 -13.96 26.96 -23.18
C ALA A 52 -13.96 28.06 -22.14
N ASP A 53 -14.10 27.71 -20.86
CA ASP A 53 -14.24 28.71 -19.81
C ASP A 53 -13.06 28.68 -18.79
N PRO A 54 -12.19 29.68 -18.87
CA PRO A 54 -11.03 29.73 -17.96
C PRO A 54 -11.38 29.60 -16.46
N SER A 55 -12.52 30.11 -16.04
CA SER A 55 -12.80 30.04 -14.65
C SER A 55 -12.95 28.57 -14.29
N ALA A 56 -13.57 27.79 -15.17
CA ALA A 56 -13.74 26.32 -14.96
C ALA A 56 -12.43 25.55 -15.12
N ILE A 57 -11.64 25.93 -16.10
CA ILE A 57 -10.31 25.32 -16.21
C ILE A 57 -9.46 25.58 -14.95
N ASN A 58 -9.42 26.84 -14.48
CA ASN A 58 -8.62 27.16 -13.31
C ASN A 58 -9.18 26.48 -12.04
N ALA A 59 -10.50 26.38 -11.92
CA ALA A 59 -11.05 25.63 -10.79
C ALA A 59 -10.57 24.16 -10.82
N ALA A 60 -10.52 23.58 -12.02
CA ALA A 60 -10.04 22.21 -12.18
C ALA A 60 -8.56 22.10 -11.76
N ARG A 61 -7.76 23.09 -12.15
CA ARG A 61 -6.34 23.11 -11.73
C ARG A 61 -6.17 23.30 -10.23
N GLU A 62 -7.01 24.10 -9.59
CA GLU A 62 -6.88 24.24 -8.12
C GLU A 62 -7.10 22.89 -7.51
N ASN A 63 -8.17 22.23 -7.90
CA ASN A 63 -8.44 20.85 -7.45
C ASN A 63 -7.26 19.84 -7.59
N LEU A 64 -6.56 19.84 -8.73
CA LEU A 64 -5.46 18.91 -8.92
C LEU A 64 -4.37 19.23 -7.92
N GLY A 65 -4.26 20.51 -7.62
CA GLY A 65 -3.30 20.95 -6.59
C GLY A 65 -3.59 20.35 -5.24
N ALA A 66 -4.87 20.32 -4.90
CA ALA A 66 -5.35 19.86 -3.62
C ALA A 66 -5.28 18.34 -3.47
N SER A 67 -5.79 17.62 -4.48
CA SER A 67 -5.74 16.15 -4.48
C SER A 67 -4.29 15.67 -4.54
N ALA A 68 -3.41 16.41 -5.20
CA ALA A 68 -2.00 16.01 -5.18
C ALA A 68 -1.54 16.03 -3.79
N LYS A 69 -1.88 17.08 -3.05
CA LYS A 69 -1.50 17.15 -1.63
C LYS A 69 -2.11 16.00 -0.80
N ASN A 70 -3.37 15.63 -1.01
CA ASN A 70 -3.91 14.48 -0.27
C ASN A 70 -3.07 13.27 -0.53
N LEU A 71 -2.71 13.05 -1.79
CA LEU A 71 -2.02 11.82 -2.19
C LEU A 71 -0.56 11.75 -1.70
N ILE A 72 0.24 12.81 -1.84
CA ILE A 72 1.65 12.74 -1.56
C ILE A 72 2.11 13.58 -0.41
N GLY A 73 1.26 14.41 0.15
CA GLY A 73 1.60 15.19 1.34
C GLY A 73 1.02 14.71 2.65
N ASP A 74 -0.08 13.95 2.60
CA ASP A 74 -0.73 13.36 3.77
C ASP A 74 -0.28 11.90 4.02
N THR A 75 -0.68 11.36 5.19
CA THR A 75 -0.43 10.00 5.61
C THR A 75 -1.76 9.24 5.89
N LYS A 76 -2.43 9.47 7.02
CA LYS A 76 -3.68 8.70 7.32
C LYS A 76 -4.67 8.71 6.17
N ASN A 77 -4.96 9.87 5.61
CA ASN A 77 -5.96 9.96 4.56
C ASN A 77 -5.48 9.75 3.13
N SER A 78 -4.23 9.36 2.88
CA SER A 78 -3.75 9.07 1.52
C SER A 78 -3.76 7.60 1.19
N PRO A 79 -4.48 7.20 0.13
CA PRO A 79 -4.49 5.79 -0.30
C PRO A 79 -3.11 5.33 -0.77
N ALA A 80 -2.37 6.26 -1.36
CA ALA A 80 -0.98 5.97 -1.77
C ALA A 80 -0.16 5.52 -0.56
N TYR A 81 -0.22 6.30 0.52
CA TYR A 81 0.50 5.95 1.75
C TYR A 81 0.09 4.64 2.38
N GLN A 82 -1.22 4.45 2.63
CA GLN A 82 -1.66 3.20 3.15
C GLN A 82 -1.20 2.03 2.25
N ALA A 83 -1.18 2.19 0.91
CA ALA A 83 -0.77 1.04 0.05
C ALA A 83 0.71 0.74 0.15
N VAL A 84 1.53 1.78 0.30
CA VAL A 84 2.95 1.54 0.56
C VAL A 84 3.13 0.78 1.86
N LEU A 85 2.45 1.26 2.88
CA LEU A 85 2.57 0.71 4.23
C LEU A 85 2.12 -0.74 4.23
N LEU A 86 1.04 -1.06 3.54
CA LEU A 86 0.55 -2.46 3.43
C LEU A 86 1.55 -3.41 2.76
N ALA A 87 2.12 -2.97 1.66
CA ALA A 87 3.07 -3.79 0.95
C ALA A 87 4.24 -4.14 1.83
N ILE A 88 4.79 -3.13 2.49
CA ILE A 88 5.89 -3.32 3.42
C ILE A 88 5.48 -4.22 4.61
N ASN A 89 4.31 -4.00 5.18
CA ASN A 89 3.93 -4.78 6.37
C ASN A 89 3.67 -6.25 6.00
N ALA A 90 3.32 -6.53 4.76
CA ALA A 90 3.06 -7.91 4.36
C ALA A 90 4.34 -8.69 4.31
N ALA A 91 5.38 -8.08 3.77
CA ALA A 91 6.73 -8.67 3.78
C ALA A 91 7.24 -9.01 5.17
N VAL A 92 7.17 -8.03 6.06
CA VAL A 92 7.62 -8.20 7.44
C VAL A 92 6.80 -9.28 8.08
N GLY A 93 5.50 -9.13 8.01
CA GLY A 93 4.59 -10.17 8.55
C GLY A 93 4.87 -11.61 8.12
N PHE A 94 5.19 -11.83 6.84
CA PHE A 94 5.52 -13.17 6.34
C PHE A 94 6.70 -13.76 7.12
N TRP A 95 7.76 -12.99 7.34
CA TRP A 95 8.89 -13.55 8.13
C TRP A 95 8.54 -13.74 9.59
N ASN A 96 7.81 -12.79 10.17
CA ASN A 96 7.33 -12.94 11.54
C ASN A 96 6.59 -14.29 11.72
N VAL A 97 5.83 -14.68 10.71
CA VAL A 97 5.08 -15.93 10.76
C VAL A 97 5.97 -17.16 10.70
N LEU A 98 6.98 -17.16 9.84
CA LEU A 98 7.69 -18.37 9.49
C LEU A 98 9.15 -18.50 9.93
N GLY A 99 9.84 -17.42 10.24
CA GLY A 99 11.25 -17.47 10.66
C GLY A 99 11.58 -18.44 11.80
N TYR A 100 10.72 -18.51 12.83
CA TYR A 100 11.00 -19.38 13.99
C TYR A 100 11.24 -20.82 13.64
N ALA A 101 10.77 -21.22 12.46
CA ALA A 101 10.73 -22.59 11.99
C ALA A 101 11.71 -22.85 10.83
N THR A 102 12.59 -21.90 10.54
CA THR A 102 13.40 -21.97 9.35
C THR A 102 14.76 -22.50 9.74
N GLN A 103 15.25 -23.54 9.09
CA GLN A 103 16.63 -24.02 9.40
C GLN A 103 17.67 -22.96 8.98
N CYS A 104 18.74 -22.77 9.75
CA CYS A 104 19.90 -21.98 9.34
C CYS A 104 21.11 -22.42 10.10
N GLY A 105 22.26 -22.21 9.50
CA GLY A 105 23.53 -22.59 10.12
C GLY A 105 24.80 -22.61 9.26
N GLY A 106 25.83 -23.27 9.79
CA GLY A 106 27.11 -23.31 9.10
C GLY A 106 28.05 -22.15 9.34
N ASN A 107 29.11 -22.09 8.54
CA ASN A 107 30.15 -21.10 8.71
C ASN A 107 30.11 -20.06 7.65
N ALA A 108 30.98 -19.07 7.79
CA ALA A 108 31.06 -17.93 6.91
C ALA A 108 31.38 -18.31 5.47
N ASN A 109 31.99 -19.45 5.24
CA ASN A 109 32.24 -19.79 3.83
C ASN A 109 31.01 -20.40 3.15
N GLY A 110 29.86 -20.50 3.82
CA GLY A 110 28.65 -21.17 3.27
C GLY A 110 28.67 -22.71 3.40
N GLN A 111 29.63 -23.26 4.14
CA GLN A 111 29.75 -24.68 4.28
C GLN A 111 29.27 -25.18 5.65
N GLU A 112 29.13 -26.51 5.76
CA GLU A 112 28.70 -27.20 6.96
C GLU A 112 29.62 -26.77 8.09
N SER A 113 29.09 -26.73 9.31
CA SER A 113 29.91 -26.55 10.51
C SER A 113 29.79 -27.76 11.40
N THR A 114 30.83 -27.99 12.22
CA THR A 114 30.77 -29.03 13.26
C THR A 114 30.08 -28.60 14.54
N SER A 115 30.33 -27.39 14.99
CA SER A 115 29.86 -26.95 16.31
C SER A 115 29.66 -25.41 16.37
N SER A 116 28.71 -24.88 15.59
CA SER A 116 28.63 -23.43 15.38
C SER A 116 27.25 -22.87 15.71
N THR A 117 27.21 -22.03 16.76
CA THR A 117 25.94 -21.44 17.23
C THR A 117 26.02 -19.94 16.98
N THR A 118 25.07 -19.42 16.18
CA THR A 118 25.11 -18.01 15.71
C THR A 118 23.71 -17.45 15.97
N ILE A 119 23.63 -16.41 16.79
CA ILE A 119 22.34 -15.97 17.36
C ILE A 119 22.09 -14.54 16.94
N PHE A 120 20.95 -14.29 16.28
CA PHE A 120 20.64 -12.92 15.80
C PHE A 120 19.64 -12.32 16.73
N ASN A 121 19.97 -11.14 17.25
CA ASN A 121 19.07 -10.50 18.21
C ASN A 121 18.01 -9.67 17.56
N ASN A 122 16.97 -9.45 18.36
CA ASN A 122 15.73 -8.84 17.94
C ASN A 122 15.12 -9.45 16.65
N GLU A 123 14.95 -10.78 16.68
CA GLU A 123 14.25 -11.58 15.65
C GLU A 123 13.25 -12.46 16.35
N PRO A 124 12.23 -12.93 15.61
CA PRO A 124 11.11 -13.67 16.21
C PRO A 124 11.24 -15.17 16.20
N GLY A 125 11.99 -15.67 17.19
CA GLY A 125 12.22 -17.11 17.40
C GLY A 125 11.27 -17.74 18.40
N TYR A 126 11.32 -19.08 18.51
CA TYR A 126 10.44 -19.87 19.40
C TYR A 126 10.55 -19.38 20.86
N ARG A 127 9.47 -18.84 21.39
CA ARG A 127 9.45 -18.30 22.73
C ARG A 127 10.69 -17.41 23.04
N SER A 128 11.06 -16.54 22.12
CA SER A 128 12.32 -15.81 22.27
C SER A 128 12.30 -14.57 21.39
N THR A 129 13.10 -13.57 21.77
CA THR A 129 13.32 -12.42 20.90
C THR A 129 14.60 -12.48 20.10
N SER A 130 15.06 -13.70 19.85
CA SER A 130 16.28 -13.92 19.11
C SER A 130 16.07 -15.18 18.30
N ILE A 131 16.71 -15.27 17.12
CA ILE A 131 16.74 -16.52 16.36
C ILE A 131 18.11 -17.11 16.41
N THR A 132 18.14 -18.41 16.73
CA THR A 132 19.32 -19.25 16.80
C THR A 132 19.54 -20.07 15.51
N CYS A 133 20.75 -20.02 15.02
CA CYS A 133 21.11 -20.76 13.85
C CYS A 133 22.17 -21.68 14.35
N SER A 134 21.83 -22.95 14.58
CA SER A 134 22.82 -23.89 15.09
C SER A 134 22.68 -25.29 14.51
N LEU A 135 22.05 -25.35 13.34
CA LEU A 135 22.01 -26.54 12.51
C LEU A 135 23.43 -26.89 11.95
N ASN A 136 24.10 -27.84 12.60
CA ASN A 136 25.43 -28.32 12.22
C ASN A 136 25.37 -29.54 11.29
N ARG A 137 26.48 -29.79 10.59
CA ARG A 137 26.69 -31.02 9.81
C ARG A 137 26.04 -31.01 8.42
N TYR A 138 24.78 -30.61 8.33
CA TYR A 138 24.10 -30.54 7.03
C TYR A 138 24.63 -29.32 6.26
N LYS A 139 24.60 -29.39 4.93
CA LYS A 139 25.21 -28.35 4.08
C LYS A 139 24.19 -27.28 3.73
N PRO A 140 24.51 -25.99 3.97
CA PRO A 140 23.55 -24.92 3.63
C PRO A 140 23.26 -24.87 2.15
N GLY A 141 22.02 -24.48 1.80
CA GLY A 141 21.56 -24.37 0.42
C GLY A 141 20.09 -24.68 0.25
N TYR A 142 19.68 -24.84 -1.00
CA TYR A 142 18.29 -25.10 -1.37
C TYR A 142 17.71 -26.27 -0.61
N TYR A 143 16.42 -26.27 -0.36
CA TYR A 143 15.78 -27.33 0.50
C TYR A 143 16.63 -27.77 1.71
N GLY A 144 17.43 -26.89 2.29
CA GLY A 144 18.18 -27.22 3.51
C GLY A 144 18.37 -25.94 4.35
N PRO A 145 19.41 -25.89 5.19
CA PRO A 145 19.58 -24.68 6.03
C PRO A 145 20.01 -23.43 5.28
N MET A 146 19.50 -22.28 5.69
CA MET A 146 19.89 -21.01 5.11
C MET A 146 21.31 -20.75 5.59
N SER A 147 22.21 -20.37 4.68
CA SER A 147 23.57 -20.00 5.05
C SER A 147 23.52 -18.72 5.90
N ILE A 148 24.56 -18.45 6.69
CA ILE A 148 24.64 -17.24 7.51
C ILE A 148 24.84 -15.96 6.69
N GLU A 149 25.46 -16.09 5.51
CA GLU A 149 25.55 -14.96 4.62
C GLU A 149 24.13 -14.50 4.19
N ASN A 150 23.29 -15.44 3.79
CA ASN A 150 21.92 -15.05 3.47
C ASN A 150 21.19 -14.51 4.69
N PHE A 151 21.32 -15.14 5.84
CA PHE A 151 20.61 -14.69 7.03
C PHE A 151 21.09 -13.30 7.43
N LYS A 152 22.35 -13.00 7.17
CA LYS A 152 22.81 -11.63 7.39
C LYS A 152 22.08 -10.64 6.48
N LYS A 153 21.96 -10.97 5.19
CA LYS A 153 21.26 -10.11 4.23
C LYS A 153 19.82 -9.91 4.71
N LEU A 154 19.15 -11.03 4.99
CA LEU A 154 17.76 -11.01 5.51
C LEU A 154 17.58 -10.16 6.82
N ASN A 155 18.43 -10.40 7.82
CA ASN A 155 18.37 -9.69 9.07
C ASN A 155 18.49 -8.18 8.91
N GLU A 156 19.41 -7.75 8.05
CA GLU A 156 19.71 -6.32 8.05
C GLU A 156 18.48 -5.58 7.49
N ALA A 157 17.92 -6.11 6.42
CA ALA A 157 16.73 -5.57 5.87
C ALA A 157 15.62 -5.60 6.91
N TYR A 158 15.56 -6.65 7.76
CA TYR A 158 14.45 -6.74 8.74
C TYR A 158 14.56 -5.67 9.83
N GLN A 159 15.79 -5.44 10.32
CA GLN A 159 16.06 -4.45 11.36
C GLN A 159 15.78 -3.06 10.84
N ILE A 160 16.00 -2.84 9.56
CA ILE A 160 15.83 -1.51 9.01
C ILE A 160 14.34 -1.26 8.86
N LEU A 161 13.63 -2.25 8.34
CA LEU A 161 12.19 -2.09 8.19
C LEU A 161 11.45 -1.95 9.52
N GLN A 162 11.77 -2.77 10.51
CA GLN A 162 11.10 -2.67 11.83
C GLN A 162 11.48 -1.35 12.54
N THR A 163 12.71 -0.86 12.36
CA THR A 163 13.06 0.38 13.00
C THR A 163 12.20 1.53 12.47
N ALA A 164 11.94 1.51 11.16
CA ALA A 164 11.25 2.61 10.53
C ALA A 164 9.76 2.53 10.76
N LEU A 165 9.25 1.31 10.77
CA LEU A 165 7.84 1.08 11.08
C LEU A 165 7.51 1.64 12.47
N ASN A 166 8.42 1.42 13.42
CA ASN A 166 8.34 1.96 14.77
C ASN A 166 8.29 3.49 14.87
N LYS A 167 9.13 4.17 14.12
CA LYS A 167 9.15 5.64 14.13
C LYS A 167 8.09 6.28 13.22
N GLY A 168 7.48 5.47 12.33
CA GLY A 168 6.40 5.93 11.45
C GLY A 168 6.96 6.31 10.10
N LEU A 169 6.32 5.87 9.04
CA LEU A 169 6.75 6.17 7.70
C LEU A 169 6.40 7.58 7.31
N PRO A 170 7.30 8.27 6.62
CA PRO A 170 6.98 9.60 6.16
C PRO A 170 5.99 9.66 4.96
N ALA A 171 5.39 10.83 4.78
CA ALA A 171 4.60 11.08 3.60
C ALA A 171 5.46 10.84 2.35
N LEU A 172 4.84 10.52 1.23
CA LEU A 172 5.58 10.18 0.01
C LEU A 172 6.41 11.33 -0.57
N LYS A 173 6.04 12.57 -0.33
CA LYS A 173 6.81 13.64 -0.94
C LYS A 173 8.13 13.75 -0.17
N GLU A 174 8.15 13.41 1.13
CA GLU A 174 9.39 13.50 1.92
C GLU A 174 10.33 12.33 1.63
N ASN A 175 11.20 12.54 0.64
CA ASN A 175 12.17 11.53 0.20
C ASN A 175 13.69 11.80 0.52
N ASN A 176 14.00 12.56 1.58
CA ASN A 176 15.38 12.87 1.96
C ASN A 176 15.69 12.55 3.39
N GLY A 177 14.71 12.02 4.12
CA GLY A 177 14.88 11.70 5.51
C GLY A 177 15.79 10.51 5.79
N THR A 178 16.21 10.40 7.05
CA THR A 178 17.09 9.36 7.50
C THR A 178 16.73 8.96 8.89
N ILE A 179 17.23 7.79 9.28
CA ILE A 179 17.08 7.25 10.60
C ILE A 179 18.36 6.55 10.93
N ASN A 180 18.48 6.16 12.20
CA ASN A 180 19.60 5.39 12.70
C ASN A 180 19.15 3.99 13.17
N VAL A 181 19.97 3.01 12.86
CA VAL A 181 19.59 1.64 13.06
C VAL A 181 20.76 0.95 13.68
N GLU A 182 20.49 0.10 14.67
CA GLU A 182 21.52 -0.60 15.38
C GLU A 182 21.02 -2.02 15.70
N TYR A 183 21.92 -3.03 15.60
CA TYR A 183 21.58 -4.42 15.90
C TYR A 183 22.79 -5.26 16.21
N THR A 184 22.54 -6.34 16.96
CA THR A 184 23.60 -7.16 17.50
C THR A 184 23.42 -8.59 17.05
N TYR A 185 24.52 -9.34 16.99
CA TYR A 185 24.46 -10.82 16.89
C TYR A 185 25.70 -11.46 17.52
N THR A 186 25.64 -12.76 17.85
CA THR A 186 26.74 -13.43 18.57
C THR A 186 27.16 -14.76 17.94
N CYS A 187 28.37 -15.19 18.31
CA CYS A 187 29.04 -16.42 17.83
C CYS A 187 29.63 -17.20 18.99
N SER A 188 29.28 -18.45 19.14
CA SER A 188 30.00 -19.36 20.03
C SER A 188 30.17 -20.72 19.36
N GLY A 189 30.95 -21.57 20.02
CA GLY A 189 31.32 -22.86 19.49
C GLY A 189 32.69 -22.77 18.84
N GLY A 190 33.45 -23.86 18.90
CA GLY A 190 34.77 -23.88 18.30
C GLY A 190 34.53 -24.13 16.85
N GLY A 191 35.32 -23.46 16.01
CA GLY A 191 35.14 -23.51 14.54
C GLY A 191 34.36 -22.36 13.93
N ASN A 192 33.73 -21.52 14.77
CA ASN A 192 32.75 -20.56 14.30
C ASN A 192 33.39 -19.33 13.74
N THR A 193 33.34 -19.20 12.41
CA THR A 193 34.01 -18.09 11.69
C THR A 193 33.07 -16.91 11.40
N ASN A 194 31.81 -16.98 11.83
CA ASN A 194 30.87 -15.95 11.47
C ASN A 194 31.05 -14.55 12.10
N CYS A 195 31.94 -14.38 13.08
CA CYS A 195 32.22 -13.06 13.67
C CYS A 195 33.71 -12.70 13.61
N ASP A 196 34.45 -13.35 12.72
CA ASP A 196 35.89 -13.10 12.62
C ASP A 196 36.09 -11.68 12.18
N PRO A 197 37.08 -10.98 12.77
CA PRO A 197 37.32 -9.60 12.41
C PRO A 197 37.72 -9.30 10.95
N SER A 198 38.31 -10.23 10.21
CA SER A 198 38.68 -9.89 8.85
C SER A 198 37.42 -9.66 8.01
N LEU A 199 36.32 -10.31 8.35
CA LEU A 199 35.01 -10.06 7.63
C LEU A 199 34.58 -8.62 7.61
N PHE A 200 34.97 -7.87 8.62
CA PHE A 200 34.56 -6.47 8.71
C PHE A 200 35.68 -5.46 8.46
N GLY A 201 36.89 -5.93 8.17
CA GLY A 201 38.01 -5.03 8.00
C GLY A 201 38.67 -4.59 9.29
N ILE A 202 38.34 -5.23 10.41
CA ILE A 202 38.96 -4.94 11.72
C ILE A 202 40.28 -5.68 11.75
N GLY A 203 41.32 -5.10 12.35
CA GLY A 203 42.62 -5.74 12.56
C GLY A 203 42.56 -7.26 12.87
N GLY A 204 43.70 -7.97 12.71
CA GLY A 204 43.78 -9.41 13.06
C GLY A 204 43.51 -9.70 14.55
N ASP A 205 44.29 -9.05 15.42
CA ASP A 205 43.92 -8.71 16.81
C ASP A 205 42.67 -7.82 16.80
N GLY A 206 42.17 -7.39 17.94
CA GLY A 206 40.99 -6.54 17.86
C GLY A 206 39.60 -7.18 17.75
N ARG A 207 39.51 -8.51 17.84
CA ARG A 207 38.22 -9.15 18.19
C ARG A 207 37.66 -8.73 19.53
N ASN A 208 38.55 -8.45 20.47
CA ASN A 208 38.13 -7.95 21.77
C ASN A 208 38.41 -6.46 21.84
N GLY A 209 37.44 -5.65 21.43
CA GLY A 209 37.52 -4.18 21.54
C GLY A 209 37.63 -3.44 20.23
N GLY A 210 37.97 -4.15 19.17
CA GLY A 210 38.25 -3.49 17.90
C GLY A 210 37.00 -2.92 17.27
N SER A 211 37.21 -1.92 16.39
CA SER A 211 36.11 -1.17 15.77
C SER A 211 36.54 -0.52 14.47
N VAL A 212 35.59 -0.36 13.57
CA VAL A 212 35.85 0.10 12.22
C VAL A 212 34.65 0.94 11.73
N THR A 213 34.93 2.09 11.15
CA THR A 213 33.87 3.00 10.68
C THR A 213 34.07 3.36 9.23
N LYS A 214 33.05 3.23 8.42
CA LYS A 214 33.26 2.99 7.01
C LYS A 214 32.01 3.36 6.25
N THR A 215 32.09 4.14 5.19
CA THR A 215 30.83 4.48 4.53
C THR A 215 30.35 3.28 3.69
N GLN A 216 29.04 3.08 3.68
CA GLN A 216 28.33 1.98 3.01
C GLN A 216 27.36 2.62 1.98
N THR A 217 26.97 1.93 0.91
CA THR A 217 26.05 2.59 -0.09
C THR A 217 24.68 1.92 -0.07
N ILE A 218 23.63 2.69 0.27
CA ILE A 218 22.24 2.17 0.36
C ILE A 218 21.27 3.06 -0.45
N ASP A 219 20.55 2.46 -1.42
CA ASP A 219 19.67 3.17 -2.40
C ASP A 219 20.36 4.47 -2.92
N GLY A 220 21.59 4.32 -3.40
CA GLY A 220 22.36 5.46 -3.92
C GLY A 220 22.77 6.55 -2.93
N LYS A 221 22.41 6.43 -1.64
CA LYS A 221 22.83 7.40 -0.61
C LYS A 221 23.97 6.86 0.26
N GLN A 222 24.63 7.78 0.99
CA GLN A 222 25.88 7.46 1.74
C GLN A 222 25.65 7.38 3.23
N VAL A 223 25.94 6.23 3.79
CA VAL A 223 25.58 5.90 5.12
C VAL A 223 26.88 5.63 5.87
N ASN A 224 27.08 6.17 7.06
CA ASN A 224 28.20 5.72 7.86
C ASN A 224 27.81 4.61 8.79
N THR A 225 28.69 3.61 8.85
CA THR A 225 28.43 2.37 9.51
C THR A 225 29.62 2.01 10.39
N THR A 226 29.35 1.74 11.65
CA THR A 226 30.38 1.40 12.57
C THR A 226 30.15 -0.02 12.96
N ILE A 227 31.16 -0.84 12.86
CA ILE A 227 31.02 -2.25 13.28
C ILE A 227 32.03 -2.53 14.36
N SER A 228 31.55 -3.02 15.51
CA SER A 228 32.40 -3.18 16.73
C SER A 228 32.30 -4.58 17.25
N SER A 229 33.42 -5.07 17.80
CA SER A 229 33.55 -6.44 18.32
C SER A 229 33.97 -6.43 19.78
N LYS A 230 33.33 -7.29 20.60
CA LYS A 230 33.80 -7.58 21.95
C LYS A 230 33.73 -9.08 22.20
N VAL A 231 34.63 -9.63 23.02
CA VAL A 231 34.50 -11.00 23.55
C VAL A 231 33.89 -10.99 24.95
N VAL A 232 33.00 -11.93 25.23
CA VAL A 232 32.39 -12.07 26.54
C VAL A 232 32.60 -13.48 27.05
N GLN A 233 32.94 -13.54 28.34
CA GLN A 233 33.31 -14.76 29.04
C GLN A 233 32.43 -14.84 30.30
N PRO A 234 31.27 -15.54 30.22
CA PRO A 234 30.40 -15.45 31.37
C PRO A 234 30.90 -16.37 32.50
N PRO A 235 30.14 -16.47 33.60
CA PRO A 235 30.73 -17.17 34.75
C PRO A 235 30.73 -18.69 34.55
N HIS A 236 29.57 -19.28 34.28
CA HIS A 236 29.44 -20.73 34.15
C HIS A 236 28.67 -21.00 32.86
N SER A 237 29.42 -21.06 31.76
CA SER A 237 28.91 -21.24 30.37
C SER A 237 29.93 -20.72 29.33
N ALA A 238 29.67 -21.04 28.06
CA ALA A 238 30.65 -20.78 26.99
C ALA A 238 30.88 -19.31 26.57
N ALA A 239 32.15 -19.02 26.28
CA ALA A 239 32.56 -17.76 25.65
C ALA A 239 31.91 -17.52 24.27
N TYR A 240 31.63 -16.23 23.99
CA TYR A 240 31.07 -15.82 22.72
C TYR A 240 31.54 -14.44 22.27
N THR A 241 31.63 -14.24 20.96
CA THR A 241 31.89 -12.93 20.37
C THR A 241 30.59 -12.18 20.07
N GLU A 242 30.54 -10.89 20.37
CA GLU A 242 29.34 -10.10 20.05
C GLU A 242 29.72 -9.03 19.04
N ILE A 243 28.91 -8.93 17.99
CA ILE A 243 29.08 -7.94 16.97
C ILE A 243 27.92 -6.92 17.01
N THR A 244 28.26 -5.63 16.97
CA THR A 244 27.31 -4.55 16.97
C THR A 244 27.47 -3.79 15.66
N ASN A 245 26.35 -3.59 14.96
CA ASN A 245 26.33 -2.80 13.75
C ASN A 245 25.55 -1.54 13.96
N ALA A 246 26.18 -0.38 13.78
CA ALA A 246 25.47 0.88 13.91
C ALA A 246 25.44 1.63 12.62
N LEU A 247 24.25 1.75 12.02
CA LEU A 247 24.05 2.38 10.73
C LEU A 247 23.44 3.73 10.95
N ASN A 248 24.17 4.73 10.48
CA ASN A 248 23.83 6.10 10.74
C ASN A 248 23.53 6.89 9.43
N GLY A 249 22.28 7.37 9.28
CA GLY A 249 21.82 8.06 8.07
C GLY A 249 21.23 7.12 7.03
N VAL A 250 20.53 6.06 7.47
CA VAL A 250 19.80 5.19 6.56
C VAL A 250 18.60 5.97 5.99
N PRO A 251 18.41 5.93 4.67
CA PRO A 251 17.25 6.60 4.06
C PRO A 251 15.92 5.90 4.41
N ASP A 252 14.86 6.68 4.69
CA ASP A 252 13.55 6.12 5.05
C ASP A 252 12.44 6.47 4.07
N SER A 253 12.82 6.98 2.90
CA SER A 253 11.88 7.29 1.83
C SER A 253 11.11 5.99 1.42
N ALA A 254 9.90 6.12 0.89
CA ALA A 254 9.16 5.00 0.34
C ALA A 254 9.98 4.17 -0.65
N GLN A 255 10.67 4.83 -1.56
CA GLN A 255 11.45 4.12 -2.51
C GLN A 255 12.45 3.16 -1.84
N ALA A 256 13.09 3.62 -0.79
CA ALA A 256 14.18 2.89 -0.19
C ALA A 256 13.66 1.77 0.67
N LEU A 257 12.58 2.01 1.38
CA LEU A 257 12.00 0.99 2.22
C LEU A 257 11.33 -0.09 1.38
N LEU A 258 10.86 0.25 0.18
CA LEU A 258 10.37 -0.79 -0.74
C LEU A 258 11.50 -1.64 -1.27
N ALA A 259 12.68 -1.07 -1.44
CA ALA A 259 13.85 -1.87 -1.80
C ALA A 259 14.24 -2.85 -0.71
N GLN A 260 14.12 -2.41 0.54
CA GLN A 260 14.43 -3.31 1.65
C GLN A 260 13.42 -4.44 1.72
N ALA A 261 12.13 -4.15 1.64
CA ALA A 261 11.12 -5.23 1.61
C ALA A 261 11.39 -6.22 0.48
N SER A 262 11.88 -5.71 -0.64
CA SER A 262 12.12 -6.56 -1.76
C SER A 262 13.32 -7.47 -1.48
N THR A 263 14.37 -6.92 -0.86
CA THR A 263 15.48 -7.77 -0.46
C THR A 263 15.06 -8.86 0.51
N LEU A 264 14.16 -8.54 1.42
CA LEU A 264 13.77 -9.51 2.43
C LEU A 264 13.07 -10.70 1.79
N ILE A 265 12.09 -10.44 0.95
CA ILE A 265 11.27 -11.50 0.45
C ILE A 265 12.02 -12.22 -0.69
N ASN A 266 12.87 -11.53 -1.43
CA ASN A 266 13.65 -12.22 -2.48
C ASN A 266 14.75 -13.15 -1.93
N THR A 267 15.31 -12.80 -0.79
CA THR A 267 16.33 -13.62 -0.14
C THR A 267 15.69 -14.91 0.41
N ILE A 268 14.51 -14.77 0.97
CA ILE A 268 13.78 -15.94 1.41
C ILE A 268 13.54 -16.84 0.22
N ASN A 269 13.09 -16.27 -0.88
CA ASN A 269 12.61 -17.06 -2.02
C ASN A 269 13.70 -17.69 -2.88
N THR A 270 14.86 -17.08 -2.92
CA THR A 270 15.98 -17.53 -3.72
C THR A 270 16.81 -18.60 -2.98
N ALA A 271 17.06 -18.39 -1.70
CA ALA A 271 17.77 -19.31 -0.88
C ALA A 271 16.98 -20.59 -0.56
N CYS A 272 15.66 -20.44 -0.57
CA CYS A 272 14.67 -21.51 -0.44
C CYS A 272 14.96 -22.56 0.62
N PRO A 273 15.07 -22.14 1.87
CA PRO A 273 15.45 -23.07 2.91
C PRO A 273 14.33 -23.94 3.39
N TYR A 274 14.71 -24.94 4.19
CA TYR A 274 13.81 -25.94 4.72
C TYR A 274 13.14 -25.38 5.99
N PHE A 275 11.87 -25.69 6.16
CA PHE A 275 11.16 -25.28 7.38
C PHE A 275 10.25 -26.42 7.83
N SER A 276 9.99 -26.46 9.13
CA SER A 276 9.06 -27.40 9.72
C SER A 276 8.37 -26.80 10.96
N VAL A 277 7.03 -26.85 11.02
CA VAL A 277 6.26 -26.16 12.10
C VAL A 277 5.83 -27.01 13.30
N THR A 278 5.67 -26.35 14.45
CA THR A 278 5.04 -26.91 15.67
C THR A 278 3.54 -26.47 15.72
N ASN A 279 2.62 -27.27 15.17
CA ASN A 279 1.25 -26.75 14.88
C ASN A 279 0.32 -26.49 16.08
N GLY A 282 -5.46 -26.93 19.61
CA GLY A 282 -6.66 -26.49 18.86
C GLY A 282 -6.54 -25.03 18.46
N GLY A 283 -6.60 -24.74 17.15
CA GLY A 283 -6.24 -23.41 16.64
C GLY A 283 -5.80 -23.48 15.18
N PRO A 284 -5.04 -22.47 14.69
CA PRO A 284 -4.91 -22.38 13.24
C PRO A 284 -3.94 -23.44 12.68
N GLN A 285 -4.19 -23.86 11.44
CA GLN A 285 -3.52 -25.02 10.78
C GLN A 285 -2.56 -24.69 9.61
N MET A 286 -1.24 -24.80 9.82
CA MET A 286 -0.26 -24.45 8.77
C MET A 286 -0.22 -25.46 7.59
N GLU A 287 -0.47 -24.97 6.37
CA GLU A 287 -0.56 -25.80 5.14
C GLU A 287 0.31 -25.31 3.93
N PRO A 288 1.41 -26.03 3.59
CA PRO A 288 2.07 -27.24 4.17
C PRO A 288 2.65 -27.03 5.56
N THR A 289 2.91 -28.12 6.28
CA THR A 289 3.48 -28.05 7.65
C THR A 289 5.03 -28.18 7.67
N ARG A 290 5.59 -28.75 6.61
CA ARG A 290 7.02 -28.81 6.49
C ARG A 290 7.32 -28.72 5.02
N GLY A 291 8.61 -28.49 4.73
CA GLY A 291 9.06 -28.38 3.35
C GLY A 291 10.03 -27.25 3.11
N LYS A 292 9.94 -26.72 1.91
CA LYS A 292 10.77 -25.61 1.49
C LYS A 292 9.96 -24.33 1.44
N LEU A 293 10.57 -23.20 1.84
CA LEU A 293 9.83 -21.95 2.01
C LEU A 293 9.35 -21.39 0.71
N CYS A 294 10.07 -21.59 -0.38
CA CYS A 294 9.62 -21.03 -1.65
C CYS A 294 8.38 -21.75 -2.16
N GLY A 295 7.99 -22.80 -1.48
CA GLY A 295 6.78 -23.53 -1.78
C GLY A 295 5.50 -22.84 -1.41
N PHE A 296 5.56 -21.74 -0.66
CA PHE A 296 4.43 -20.81 -0.55
C PHE A 296 4.46 -19.86 -1.77
N THR A 297 4.25 -20.41 -2.96
CA THR A 297 4.33 -19.68 -4.23
C THR A 297 3.28 -18.58 -4.39
N GLU A 298 2.06 -18.87 -3.95
CA GLU A 298 0.94 -17.95 -4.13
C GLU A 298 1.09 -16.72 -3.22
N GLU A 299 1.71 -16.94 -2.06
CA GLU A 299 1.98 -15.91 -1.05
C GLU A 299 3.20 -15.02 -1.42
N ILE A 300 4.28 -15.62 -1.83
CA ILE A 300 5.44 -14.89 -2.24
C ILE A 300 5.18 -14.15 -3.56
N SER A 301 4.40 -14.71 -4.48
CA SER A 301 4.08 -13.98 -5.76
C SER A 301 3.21 -12.71 -5.49
N ALA A 302 2.26 -12.81 -4.55
CA ALA A 302 1.43 -11.70 -4.15
C ALA A 302 2.25 -10.62 -3.48
N ILE A 303 3.00 -11.03 -2.47
CA ILE A 303 3.91 -10.09 -1.86
C ILE A 303 4.77 -9.39 -2.90
N GLN A 304 5.25 -10.11 -3.89
CA GLN A 304 6.21 -9.47 -4.81
C GLN A 304 5.45 -8.50 -5.74
N LYS A 305 4.19 -8.80 -5.99
CA LYS A 305 3.37 -7.98 -6.89
C LYS A 305 2.92 -6.71 -6.15
N MET A 306 2.57 -6.85 -4.88
CA MET A 306 2.30 -5.70 -4.04
C MET A 306 3.48 -4.69 -4.03
N ILE A 307 4.68 -5.20 -3.83
CA ILE A 307 5.88 -4.36 -3.83
C ILE A 307 6.10 -3.69 -5.17
N THR A 308 5.93 -4.44 -6.24
CA THR A 308 6.12 -3.95 -7.61
C THR A 308 5.10 -2.84 -7.89
N ASP A 309 3.84 -3.10 -7.56
CA ASP A 309 2.79 -2.10 -7.72
C ASP A 309 3.03 -0.83 -6.86
N ALA A 310 3.41 -0.97 -5.60
CA ALA A 310 3.81 0.21 -4.83
C ALA A 310 5.03 0.96 -5.41
N GLN A 311 5.99 0.26 -6.01
CA GLN A 311 7.16 0.95 -6.59
C GLN A 311 6.73 1.87 -7.69
N GLU A 312 5.78 1.42 -8.48
CA GLU A 312 5.31 2.10 -9.69
C GLU A 312 4.35 3.25 -9.30
N LEU A 313 3.75 3.10 -8.15
CA LEU A 313 2.89 4.09 -7.57
C LEU A 313 3.71 5.25 -7.05
N VAL A 314 4.74 4.93 -6.32
CA VAL A 314 5.70 5.93 -5.88
C VAL A 314 6.37 6.64 -7.03
N ASN A 315 6.49 6.02 -8.19
CA ASN A 315 7.08 6.74 -9.35
C ASN A 315 6.22 7.79 -10.06
N GLN A 316 4.92 7.81 -9.77
CA GLN A 316 4.05 8.84 -10.28
C GLN A 316 4.32 10.14 -9.54
N THR A 317 4.90 10.05 -8.34
CA THR A 317 5.21 11.24 -7.55
C THR A 317 6.04 12.25 -8.33
N SER A 318 7.06 11.79 -9.04
CA SER A 318 7.88 12.71 -9.80
C SER A 318 7.13 13.27 -11.00
N VAL A 319 6.16 12.55 -11.55
CA VAL A 319 5.38 13.11 -12.67
C VAL A 319 4.44 14.24 -12.23
N ILE A 320 3.81 14.04 -11.10
CA ILE A 320 3.03 15.09 -10.46
C ILE A 320 3.89 16.34 -10.18
N ASN A 321 5.02 16.19 -9.50
CA ASN A 321 5.92 17.33 -9.16
C ASN A 321 6.47 18.05 -10.38
N GLU A 322 6.70 17.32 -11.46
CA GLU A 322 7.26 17.93 -12.66
C GLU A 322 6.20 18.68 -13.52
N HIS A 323 4.91 18.63 -13.12
CA HIS A 323 3.79 19.24 -13.87
C HIS A 323 2.82 19.95 -12.92
N GLU A 324 3.38 20.86 -12.14
CA GLU A 324 2.68 21.70 -11.21
C GLU A 324 1.59 22.49 -11.96
N GLN A 325 0.46 22.76 -11.29
CA GLN A 325 -0.72 23.37 -11.91
C GLN A 325 -1.16 24.70 -11.22
N SER A 326 -0.23 25.46 -10.66
CA SER A 326 -0.64 26.61 -9.86
C SER A 326 -0.67 27.95 -10.62
N THR A 327 0.08 28.06 -11.72
CA THR A 327 -0.03 29.20 -12.65
C THR A 327 -1.45 29.29 -13.24
N PRO A 328 -2.10 30.46 -13.14
CA PRO A 328 -3.42 30.57 -13.77
C PRO A 328 -3.36 30.77 -15.29
N VAL A 329 -4.45 30.43 -15.98
CA VAL A 329 -4.47 30.45 -17.43
C VAL A 329 -5.58 31.33 -17.90
N GLY A 330 -5.40 31.89 -19.08
CA GLY A 330 -6.42 32.71 -19.70
C GLY A 330 -6.03 33.04 -21.12
N GLY A 331 -6.77 33.97 -21.73
CA GLY A 331 -6.37 34.50 -23.04
C GLY A 331 -5.15 35.39 -22.88
N ASN A 332 -4.85 36.15 -23.93
CA ASN A 332 -3.60 36.95 -23.95
C ASN A 332 -3.64 38.16 -24.90
N ASN A 333 -2.78 39.15 -24.62
CA ASN A 333 -3.02 40.52 -25.07
C ASN A 333 -4.44 40.93 -24.59
N GLY A 334 -4.85 40.42 -23.42
CA GLY A 334 -6.22 40.60 -22.92
C GLY A 334 -7.35 40.32 -23.92
N LYS A 335 -7.18 39.33 -24.80
CA LYS A 335 -8.24 38.88 -25.72
C LYS A 335 -9.05 37.79 -25.02
N PRO A 336 -10.30 37.51 -25.44
CA PRO A 336 -10.97 36.33 -24.85
C PRO A 336 -10.22 35.01 -25.17
N PHE A 337 -10.27 34.05 -24.25
CA PHE A 337 -9.58 32.74 -24.36
C PHE A 337 -10.02 32.03 -25.64
N ASN A 338 -9.06 31.61 -26.45
CA ASN A 338 -9.33 30.73 -27.59
C ASN A 338 -8.87 29.29 -27.28
N PRO A 339 -9.81 28.33 -27.14
CA PRO A 339 -9.38 26.93 -26.80
C PRO A 339 -8.53 26.27 -27.83
N PHE A 340 -8.47 26.80 -29.06
CA PHE A 340 -7.71 26.16 -30.16
C PHE A 340 -6.31 26.70 -30.27
N THR A 341 -5.97 27.76 -29.54
CA THR A 341 -4.59 28.36 -29.62
C THR A 341 -3.92 28.75 -28.28
N ASP A 342 -4.71 29.03 -27.23
CA ASP A 342 -4.19 29.42 -25.91
C ASP A 342 -3.96 28.29 -24.89
N ALA A 343 -3.87 27.05 -25.34
CA ALA A 343 -3.93 25.95 -24.41
C ALA A 343 -2.78 24.99 -24.45
N SER A 344 -1.57 25.53 -24.57
CA SER A 344 -0.37 24.69 -24.63
C SER A 344 -0.05 24.07 -23.25
N PHE A 345 -0.58 24.65 -22.17
CA PHE A 345 -0.57 24.04 -20.82
C PHE A 345 -1.29 22.67 -20.69
N ALA A 346 -2.11 22.31 -21.69
CA ALA A 346 -2.94 21.13 -21.56
C ALA A 346 -2.23 19.78 -21.50
N GLN A 347 -1.10 19.60 -22.18
CA GLN A 347 -0.37 18.32 -22.12
C GLN A 347 0.08 18.10 -20.68
N GLY A 348 0.57 19.15 -20.00
CA GLY A 348 0.97 19.04 -18.60
C GLY A 348 -0.16 18.67 -17.61
N MET A 349 -1.28 19.39 -17.75
CA MET A 349 -2.50 19.16 -17.01
C MET A 349 -2.98 17.74 -17.19
N LEU A 350 -2.85 17.20 -18.38
CA LEU A 350 -3.31 15.80 -18.62
C LEU A 350 -2.37 14.82 -17.97
N ALA A 351 -1.08 15.11 -18.04
CA ALA A 351 -0.10 14.20 -17.45
C ALA A 351 -0.22 14.14 -15.93
N ASN A 352 -0.41 15.31 -15.33
CA ASN A 352 -0.63 15.42 -13.91
C ASN A 352 -1.91 14.65 -13.48
N ALA A 353 -3.04 14.97 -14.08
CA ALA A 353 -4.28 14.21 -13.78
C ALA A 353 -4.20 12.70 -13.98
N SER A 354 -3.60 12.22 -15.05
CA SER A 354 -3.51 10.78 -15.33
C SER A 354 -2.64 10.04 -14.39
N ALA A 355 -1.60 10.72 -13.93
CA ALA A 355 -0.69 10.16 -12.91
C ALA A 355 -1.40 9.93 -11.57
N GLN A 356 -2.14 10.96 -11.11
CA GLN A 356 -3.01 10.85 -9.91
C GLN A 356 -3.98 9.73 -10.02
N ALA A 357 -4.64 9.60 -11.17
CA ALA A 357 -5.60 8.48 -11.33
C ALA A 357 -4.87 7.15 -11.28
N LYS A 358 -3.64 7.12 -11.74
CA LYS A 358 -2.86 5.90 -11.67
C LYS A 358 -2.39 5.55 -10.25
N MET A 359 -2.05 6.57 -9.47
CA MET A 359 -1.67 6.31 -8.09
C MET A 359 -2.89 5.70 -7.38
N LEU A 360 -4.06 6.30 -7.56
CA LEU A 360 -5.26 5.77 -6.91
C LEU A 360 -5.56 4.30 -7.31
N ASN A 361 -5.56 3.97 -8.61
CA ASN A 361 -5.83 2.60 -9.07
C ASN A 361 -4.82 1.55 -8.60
N LEU A 362 -3.54 1.87 -8.68
CA LEU A 362 -2.55 1.01 -8.09
C LEU A 362 -2.68 0.80 -6.58
N ALA A 363 -3.04 1.84 -5.82
CA ALA A 363 -3.19 1.69 -4.36
C ALA A 363 -4.29 0.67 -4.11
N HIS A 364 -5.39 0.84 -4.82
CA HIS A 364 -6.48 -0.13 -4.73
C HIS A 364 -6.03 -1.53 -5.16
N GLN A 365 -5.23 -1.63 -6.22
CA GLN A 365 -4.73 -2.96 -6.69
C GLN A 365 -3.93 -3.68 -5.59
N VAL A 366 -3.02 -2.95 -4.92
CA VAL A 366 -2.23 -3.48 -3.80
C VAL A 366 -3.12 -4.12 -2.75
N GLY A 367 -4.09 -3.38 -2.26
CA GLY A 367 -5.03 -3.95 -1.31
C GLY A 367 -5.79 -5.15 -1.84
N GLN A 368 -6.20 -5.18 -3.10
CA GLN A 368 -6.98 -6.35 -3.56
C GLN A 368 -6.11 -7.63 -3.69
N THR A 369 -4.81 -7.46 -3.85
CA THR A 369 -3.95 -8.58 -4.06
C THR A 369 -3.96 -9.47 -2.78
N ILE A 370 -4.18 -8.83 -1.62
CA ILE A 370 -4.05 -9.50 -0.30
C ILE A 370 -5.33 -9.58 0.54
N ASN A 371 -6.37 -8.83 0.20
CA ASN A 371 -7.59 -8.79 1.02
C ASN A 371 -8.22 -10.19 1.14
N PRO A 372 -8.41 -10.70 2.35
CA PRO A 372 -8.93 -12.08 2.39
C PRO A 372 -10.35 -12.30 1.82
N ASP A 373 -11.17 -11.25 1.81
CA ASP A 373 -12.51 -11.33 1.22
C ASP A 373 -12.54 -11.92 -0.23
N ASN A 374 -11.42 -11.87 -0.95
CA ASN A 374 -11.37 -12.35 -2.34
C ASN A 374 -10.36 -13.47 -2.57
N LEU A 375 -9.97 -14.13 -1.50
CA LEU A 375 -9.05 -15.24 -1.58
C LEU A 375 -9.76 -16.59 -1.24
N THR A 376 -9.16 -17.69 -1.69
CA THR A 376 -9.64 -19.06 -1.45
C THR A 376 -8.50 -19.99 -1.08
N GLY A 377 -8.85 -21.25 -0.77
CA GLY A 377 -7.88 -22.32 -0.59
C GLY A 377 -6.93 -22.11 0.56
N THR A 378 -5.67 -22.50 0.35
CA THR A 378 -4.65 -22.42 1.39
C THR A 378 -4.20 -20.98 1.62
N PHE A 379 -4.11 -20.23 0.54
CA PHE A 379 -3.80 -18.83 0.62
C PHE A 379 -4.73 -18.06 1.62
N LYS A 380 -6.04 -18.22 1.48
CA LYS A 380 -6.93 -17.50 2.38
C LYS A 380 -6.61 -17.89 3.80
N ASN A 381 -6.34 -19.19 4.02
CA ASN A 381 -6.11 -19.70 5.36
CA ASN A 381 -6.05 -19.71 5.38
C ASN A 381 -4.82 -19.10 5.98
N PHE A 382 -3.79 -18.98 5.15
CA PHE A 382 -2.54 -18.38 5.55
C PHE A 382 -2.75 -16.92 6.02
N VAL A 383 -3.47 -16.15 5.22
CA VAL A 383 -3.78 -14.76 5.59
C VAL A 383 -4.65 -14.57 6.86
N THR A 384 -5.86 -15.16 6.93
CA THR A 384 -6.72 -15.01 8.15
C THR A 384 -6.19 -15.78 9.33
N GLY A 385 -5.52 -16.90 9.07
CA GLY A 385 -5.00 -17.72 10.14
C GLY A 385 -3.78 -17.15 10.83
N PHE A 386 -2.90 -16.51 10.07
CA PHE A 386 -1.57 -16.20 10.55
C PHE A 386 -1.09 -14.76 10.27
N LEU A 387 -1.04 -14.38 8.99
CA LEU A 387 -0.44 -13.09 8.58
C LEU A 387 -1.18 -11.89 9.19
N ALA A 388 -2.50 -11.99 9.27
CA ALA A 388 -3.38 -10.90 9.75
C ALA A 388 -3.74 -10.97 11.24
N THR A 389 -2.84 -11.50 12.07
CA THR A 389 -3.08 -11.75 13.51
C THR A 389 -1.87 -11.20 14.26
N CYS A 390 -1.95 -11.13 15.58
CA CYS A 390 -0.78 -10.83 16.41
C CYS A 390 -0.87 -11.50 17.75
N ASN A 391 0.05 -12.40 18.05
CA ASN A 391 0.07 -13.01 19.35
C ASN A 391 0.82 -12.16 20.39
N ASN A 392 1.46 -11.05 20.02
CA ASN A 392 2.12 -10.24 21.07
C ASN A 392 1.11 -9.87 22.13
N LYS A 393 1.61 -9.51 23.32
CA LYS A 393 0.73 -9.21 24.47
C LYS A 393 0.23 -7.78 24.48
N SER A 394 -0.97 -7.56 25.04
CA SER A 394 -1.58 -6.23 25.08
C SER A 394 -1.26 -5.54 26.40
N GLY A 403 -2.27 -4.89 21.97
CA GLY A 403 -1.56 -4.44 20.77
C GLY A 403 -0.52 -3.36 21.05
N SER A 404 0.76 -3.78 21.08
CA SER A 404 1.93 -2.92 21.34
C SER A 404 2.33 -2.18 20.04
N PRO A 405 3.23 -1.15 20.08
CA PRO A 405 3.45 -0.36 18.84
C PRO A 405 4.11 -1.12 17.66
N PRO A 406 3.92 -0.62 16.43
CA PRO A 406 4.49 -1.37 15.30
C PRO A 406 5.99 -1.46 15.41
N GLY A 407 6.56 -2.56 14.88
CA GLY A 407 8.03 -2.76 14.87
C GLY A 407 8.66 -3.44 16.08
N THR A 408 7.79 -4.11 16.86
CA THR A 408 8.07 -4.51 18.24
C THR A 408 8.15 -6.03 18.29
N VAL A 409 9.30 -6.62 18.63
CA VAL A 409 9.40 -8.09 18.72
C VAL A 409 9.32 -8.56 20.16
N THR A 410 8.50 -9.57 20.44
CA THR A 410 8.48 -10.18 21.77
C THR A 410 8.63 -11.71 21.68
N THR A 411 8.56 -12.36 22.85
CA THR A 411 8.77 -13.81 22.91
C THR A 411 7.55 -14.54 22.37
N GLN A 412 6.48 -13.82 22.09
CA GLN A 412 5.24 -14.39 21.58
C GLN A 412 4.89 -13.95 20.15
N THR A 413 5.79 -13.21 19.51
CA THR A 413 5.61 -12.78 18.12
C THR A 413 5.52 -13.97 17.15
N PHE A 414 6.38 -14.96 17.30
CA PHE A 414 6.44 -16.07 16.35
C PHE A 414 5.07 -16.67 15.97
N ALA A 415 5.00 -17.12 14.71
CA ALA A 415 3.85 -17.79 14.09
C ALA A 415 2.62 -16.88 13.93
N SER A 416 2.84 -15.57 13.94
CA SER A 416 1.78 -14.59 13.69
C SER A 416 2.45 -13.36 13.06
N GLY A 417 1.68 -12.55 12.34
CA GLY A 417 2.27 -11.49 11.50
C GLY A 417 2.75 -10.29 12.24
N CYS A 418 2.03 -9.90 13.27
CA CYS A 418 2.36 -8.72 14.08
C CYS A 418 2.87 -7.56 13.24
N ALA A 419 2.22 -7.29 12.10
CA ALA A 419 2.55 -6.13 11.26
C ALA A 419 1.30 -5.28 10.88
N TYR A 420 0.33 -5.27 11.77
CA TYR A 420 -0.87 -4.47 11.56
C TYR A 420 -1.46 -4.64 10.16
N VAL A 421 -1.41 -5.86 9.62
CA VAL A 421 -1.99 -6.10 8.28
C VAL A 421 -3.52 -5.85 8.18
N GLU A 422 -4.31 -6.29 9.14
CA GLU A 422 -5.75 -6.01 9.10
C GLU A 422 -6.08 -4.52 9.26
N GLN A 423 -5.49 -3.85 10.23
CA GLN A 423 -5.79 -2.45 10.39
C GLN A 423 -5.38 -1.66 9.17
N THR A 424 -4.30 -2.06 8.50
CA THR A 424 -3.85 -1.31 7.31
C THR A 424 -4.86 -1.49 6.14
N ILE A 425 -5.38 -2.70 5.96
CA ILE A 425 -6.45 -2.91 4.99
C ILE A 425 -7.63 -1.97 5.29
N THR A 426 -8.10 -2.00 6.52
CA THR A 426 -9.20 -1.15 6.94
C THR A 426 -8.93 0.34 6.63
N ASN A 427 -7.74 0.82 6.95
CA ASN A 427 -7.43 2.23 6.68
C ASN A 427 -7.25 2.61 5.18
N LEU A 428 -6.78 1.68 4.38
CA LEU A 428 -6.75 1.85 2.93
C LEU A 428 -8.16 2.04 2.47
N ASN A 429 -9.02 1.08 2.78
CA ASN A 429 -10.46 1.28 2.44
C ASN A 429 -11.08 2.58 2.96
N ASN A 430 -10.79 2.97 4.19
CA ASN A 430 -11.32 4.22 4.71
C ASN A 430 -10.81 5.42 3.92
N SER A 431 -9.53 5.39 3.48
CA SER A 431 -8.97 6.56 2.78
C SER A 431 -9.54 6.72 1.37
N ILE A 432 -9.78 5.57 0.76
CA ILE A 432 -10.42 5.48 -0.53
C ILE A 432 -11.86 6.01 -0.46
N ALA A 433 -12.65 5.62 0.54
CA ALA A 433 -14.02 6.15 0.70
C ALA A 433 -14.00 7.65 0.86
N HIS A 434 -13.03 8.16 1.59
CA HIS A 434 -12.91 9.62 1.79
C HIS A 434 -12.26 10.35 0.62
N PHE A 435 -11.93 9.62 -0.47
CA PHE A 435 -11.40 10.23 -1.69
C PHE A 435 -12.47 10.27 -2.82
N GLY A 436 -13.74 10.05 -2.49
CA GLY A 436 -14.84 10.12 -3.45
C GLY A 436 -14.90 11.35 -4.34
N THR A 437 -14.83 12.52 -3.73
CA THR A 437 -14.87 13.79 -4.46
C THR A 437 -13.60 14.07 -5.30
N GLN A 438 -12.44 13.82 -4.69
CA GLN A 438 -11.18 14.06 -5.37
C GLN A 438 -11.04 13.16 -6.61
N GLU A 439 -11.57 11.94 -6.58
CA GLU A 439 -11.45 11.09 -7.74
C GLU A 439 -12.27 11.67 -8.86
N GLN A 440 -13.46 12.19 -8.51
CA GLN A 440 -14.31 12.78 -9.55
C GLN A 440 -13.67 14.04 -10.11
N GLN A 441 -12.99 14.82 -9.28
CA GLN A 441 -12.37 16.02 -9.81
C GLN A 441 -11.20 15.73 -10.71
N ILE A 442 -10.46 14.67 -10.39
CA ILE A 442 -9.33 14.28 -11.19
C ILE A 442 -9.83 13.86 -12.57
N GLN A 443 -10.90 13.06 -12.61
CA GLN A 443 -11.48 12.65 -13.90
C GLN A 443 -11.98 13.85 -14.70
N GLN A 444 -12.62 14.81 -14.04
CA GLN A 444 -13.06 16.01 -14.78
C GLN A 444 -11.88 16.81 -15.35
N ALA A 445 -10.83 16.96 -14.59
CA ALA A 445 -9.67 17.66 -15.10
C ALA A 445 -8.96 16.83 -16.19
N GLU A 446 -8.92 15.53 -16.08
CA GLU A 446 -8.39 14.74 -17.19
C GLU A 446 -9.23 14.96 -18.48
N ASN A 447 -10.56 14.86 -18.39
CA ASN A 447 -11.45 15.17 -19.53
C ASN A 447 -11.34 16.57 -20.12
N ILE A 448 -11.14 17.56 -19.28
CA ILE A 448 -11.02 18.91 -19.79
C ILE A 448 -9.69 19.00 -20.54
N ALA A 449 -8.63 18.43 -20.00
CA ALA A 449 -7.33 18.62 -20.62
C ALA A 449 -7.25 17.81 -21.89
N ASP A 450 -7.94 16.69 -21.88
CA ASP A 450 -7.99 15.85 -23.09
C ASP A 450 -8.74 16.58 -24.21
N THR A 451 -9.85 17.22 -23.89
CA THR A 451 -10.55 18.00 -24.88
C THR A 451 -9.66 19.06 -25.49
N LEU A 452 -9.01 19.87 -24.66
CA LEU A 452 -8.09 20.91 -25.15
C LEU A 452 -6.95 20.35 -25.99
N VAL A 453 -6.33 19.28 -25.56
CA VAL A 453 -5.31 18.71 -26.40
C VAL A 453 -5.81 18.38 -27.82
N ASN A 454 -7.00 17.80 -27.93
CA ASN A 454 -7.59 17.51 -29.24
C ASN A 454 -7.81 18.73 -30.11
N PHE A 455 -8.55 19.69 -29.59
CA PHE A 455 -8.71 20.96 -30.26
C PHE A 455 -7.38 21.54 -30.86
N GLY A 456 -6.28 21.41 -30.13
CA GLY A 456 -5.05 22.05 -30.49
C GLY A 456 -4.17 21.32 -31.44
N SER A 457 -4.60 20.19 -31.98
CA SER A 457 -3.84 19.45 -33.03
C SER A 457 -3.91 20.03 -34.46
N HIS A 458 -4.84 20.95 -34.72
CA HIS A 458 -5.20 21.32 -36.10
C HIS A 458 -4.52 22.61 -36.58
N VAL B 2 -19.02 -7.54 -13.27
CA VAL B 2 -18.64 -6.54 -14.27
C VAL B 2 -19.93 -5.86 -14.79
N GLN B 3 -20.83 -5.52 -13.87
CA GLN B 3 -22.24 -5.15 -14.18
C GLN B 3 -22.93 -4.39 -13.00
N LEU B 4 -23.68 -3.34 -13.34
CA LEU B 4 -24.21 -2.38 -12.40
C LEU B 4 -25.67 -2.03 -12.76
N GLN B 5 -26.61 -2.35 -11.89
CA GLN B 5 -28.01 -2.10 -12.22
C GLN B 5 -28.78 -1.41 -11.11
N GLU B 6 -29.17 -0.17 -11.42
CA GLU B 6 -29.80 0.71 -10.46
C GLU B 6 -31.33 0.65 -10.67
N SER B 7 -32.10 0.96 -9.63
CA SER B 7 -33.58 1.02 -9.77
C SER B 7 -34.16 1.66 -8.53
N GLY B 8 -35.47 1.90 -8.59
CA GLY B 8 -36.21 2.50 -7.46
C GLY B 8 -36.64 3.98 -7.63
N GLY B 9 -36.24 4.64 -8.70
CA GLY B 9 -36.49 6.06 -8.79
C GLY B 9 -37.86 6.40 -9.32
N GLY B 10 -38.17 7.69 -9.31
CA GLY B 10 -39.39 8.19 -9.92
C GLY B 10 -39.69 9.62 -9.53
N LEU B 11 -40.94 10.04 -9.71
CA LEU B 11 -41.33 11.43 -9.47
C LEU B 11 -41.95 11.52 -8.08
N VAL B 12 -41.41 12.39 -7.24
CA VAL B 12 -42.01 12.66 -5.94
C VAL B 12 -42.08 14.16 -5.62
N GLN B 13 -42.72 14.42 -4.49
CA GLN B 13 -43.10 15.73 -4.07
C GLN B 13 -42.10 16.21 -3.02
N PRO B 14 -41.82 17.53 -2.97
CA PRO B 14 -40.84 18.06 -1.98
C PRO B 14 -41.11 17.61 -0.55
N GLY B 15 -40.08 17.30 0.22
CA GLY B 15 -40.29 16.76 1.57
C GLY B 15 -40.53 15.27 1.57
N GLY B 16 -40.85 14.70 0.40
CA GLY B 16 -41.08 13.24 0.24
C GLY B 16 -39.85 12.37 0.30
N SER B 17 -39.98 11.13 -0.13
CA SER B 17 -38.94 10.18 0.21
C SER B 17 -38.81 8.92 -0.70
N LEU B 18 -37.60 8.36 -0.82
CA LEU B 18 -37.33 7.26 -1.81
C LEU B 18 -36.25 6.28 -1.38
N ARG B 19 -36.28 5.09 -1.98
CA ARG B 19 -35.25 4.08 -1.77
C ARG B 19 -34.66 3.48 -3.07
N LEU B 20 -33.38 3.78 -3.35
CA LEU B 20 -32.73 3.21 -4.56
C LEU B 20 -31.96 1.99 -4.21
N SER B 21 -31.98 1.06 -5.16
CA SER B 21 -31.23 -0.17 -5.10
C SER B 21 -30.26 -0.27 -6.24
N CYS B 22 -29.10 -0.84 -5.96
CA CYS B 22 -28.15 -1.20 -7.00
C CYS B 22 -27.76 -2.67 -6.86
N ALA B 23 -27.91 -3.40 -7.96
CA ALA B 23 -27.44 -4.80 -8.03
C ALA B 23 -26.05 -4.88 -8.72
N ALA B 24 -25.06 -5.37 -8.00
CA ALA B 24 -23.72 -5.41 -8.53
C ALA B 24 -23.21 -6.82 -8.66
N SER B 25 -22.38 -7.06 -9.64
CA SER B 25 -21.70 -8.35 -9.74
C SER B 25 -20.70 -8.51 -8.58
N GLY B 26 -20.42 -9.76 -8.21
CA GLY B 26 -19.52 -10.08 -7.12
C GLY B 26 -18.10 -9.59 -7.34
N SER B 27 -17.63 -9.64 -8.60
CA SER B 27 -16.25 -9.23 -8.88
C SER B 27 -16.05 -7.72 -8.60
N ILE B 28 -17.08 -6.91 -8.86
CA ILE B 28 -17.06 -5.50 -8.47
C ILE B 28 -17.23 -5.30 -6.97
N PHE B 29 -18.22 -5.98 -6.40
CA PHE B 29 -18.73 -5.60 -5.09
C PHE B 29 -17.81 -6.06 -3.96
N SER B 30 -17.46 -7.33 -4.01
CA SER B 30 -16.82 -8.01 -2.92
C SER B 30 -15.44 -7.44 -2.54
N GLY B 31 -15.33 -7.08 -1.28
CA GLY B 31 -14.09 -6.57 -0.74
C GLY B 31 -13.79 -5.16 -1.21
N ASN B 32 -14.78 -4.44 -1.73
CA ASN B 32 -14.57 -3.09 -2.25
C ASN B 32 -15.45 -2.02 -1.59
N VAL B 33 -14.87 -0.83 -1.47
CA VAL B 33 -15.63 0.35 -1.10
C VAL B 33 -16.63 0.50 -2.17
N MET B 34 -17.90 0.78 -1.82
CA MET B 34 -18.91 1.04 -2.85
C MET B 34 -19.51 2.41 -2.60
N GLY B 35 -20.16 2.99 -3.62
CA GLY B 35 -20.71 4.36 -3.47
C GLY B 35 -21.83 4.72 -4.45
N TRP B 36 -22.44 5.91 -4.26
CA TRP B 36 -23.50 6.45 -5.11
C TRP B 36 -23.14 7.84 -5.66
N TYR B 37 -23.64 8.11 -6.86
CA TYR B 37 -23.35 9.34 -7.66
C TYR B 37 -24.63 9.88 -8.30
N ARG B 38 -24.65 11.15 -8.69
CA ARG B 38 -25.76 11.68 -9.49
C ARG B 38 -25.29 12.71 -10.53
N GLN B 39 -26.08 12.86 -11.59
CA GLN B 39 -25.79 13.79 -12.67
C GLN B 39 -27.01 14.67 -12.93
N ALA B 40 -26.93 15.91 -12.55
CA ALA B 40 -28.09 16.80 -12.62
C ALA B 40 -28.03 17.53 -13.93
N PRO B 41 -29.17 18.06 -14.41
CA PRO B 41 -29.14 18.74 -15.71
C PRO B 41 -28.09 19.81 -15.79
N GLY B 42 -27.40 19.86 -16.92
CA GLY B 42 -26.39 20.91 -17.12
C GLY B 42 -25.12 20.73 -16.31
N LYS B 43 -24.96 19.60 -15.63
CA LYS B 43 -23.76 19.38 -14.88
C LYS B 43 -23.09 18.03 -15.10
N LEU B 44 -21.88 17.95 -14.60
CA LEU B 44 -21.15 16.71 -14.59
C LEU B 44 -21.41 15.88 -13.31
N ARG B 45 -21.23 14.56 -13.43
CA ARG B 45 -21.48 13.63 -12.37
C ARG B 45 -20.78 14.08 -11.12
N GLU B 46 -21.52 14.06 -10.01
CA GLU B 46 -21.13 14.51 -8.67
C GLU B 46 -21.12 13.30 -7.70
N TRP B 47 -20.08 13.12 -6.89
CA TRP B 47 -20.11 12.09 -5.85
C TRP B 47 -21.09 12.41 -4.68
N VAL B 48 -21.84 11.41 -4.24
CA VAL B 48 -22.86 11.62 -3.21
C VAL B 48 -22.57 10.94 -1.85
N ALA B 49 -22.20 9.64 -1.87
CA ALA B 49 -22.00 8.86 -0.65
C ALA B 49 -21.16 7.62 -0.87
N ALA B 50 -20.55 7.09 0.19
CA ALA B 50 -19.75 5.86 0.08
C ALA B 50 -19.77 5.02 1.35
N ILE B 51 -19.37 3.74 1.24
CA ILE B 51 -19.45 2.80 2.38
C ILE B 51 -18.45 1.65 2.28
N THR B 52 -17.64 1.44 3.32
CA THR B 52 -16.60 0.42 3.30
C THR B 52 -17.18 -0.96 3.53
N PRO B 53 -16.46 -2.02 3.12
CA PRO B 53 -17.00 -3.37 3.30
C PRO B 53 -17.52 -3.65 4.71
N GLN B 54 -16.85 -3.14 5.73
CA GLN B 54 -17.29 -3.28 7.10
C GLN B 54 -18.48 -2.37 7.45
N GLY B 55 -19.03 -1.63 6.51
CA GLY B 55 -20.27 -0.90 6.75
C GLY B 55 -20.22 0.58 7.16
N VAL B 56 -19.02 1.14 7.28
CA VAL B 56 -18.84 2.56 7.70
C VAL B 56 -19.18 3.49 6.57
N PRO B 57 -20.15 4.41 6.75
CA PRO B 57 -20.61 5.32 5.70
C PRO B 57 -19.98 6.69 5.76
N ASN B 58 -19.98 7.39 4.62
CA ASN B 58 -19.61 8.82 4.60
C ASN B 58 -20.29 9.53 3.43
N TYR B 59 -20.51 10.82 3.55
CA TYR B 59 -21.53 11.46 2.74
C TYR B 59 -21.02 12.79 2.22
N ALA B 60 -21.61 13.30 1.17
CA ALA B 60 -21.16 14.60 0.69
C ALA B 60 -21.91 15.67 1.49
N ASP B 61 -21.36 16.88 1.62
CA ASP B 61 -22.05 17.92 2.44
C ASP B 61 -23.45 18.21 1.95
N SER B 62 -23.67 18.19 0.63
CA SER B 62 -25.00 18.51 0.07
C SER B 62 -26.13 17.56 0.51
N VAL B 63 -25.81 16.35 0.96
CA VAL B 63 -26.86 15.40 1.37
C VAL B 63 -26.77 14.91 2.80
N LYS B 64 -25.76 15.36 3.53
CA LYS B 64 -25.49 14.83 4.86
C LYS B 64 -26.72 15.06 5.76
N GLY B 65 -27.09 14.03 6.56
CA GLY B 65 -28.23 14.08 7.47
C GLY B 65 -29.59 13.82 6.87
N ARG B 66 -29.69 13.64 5.56
CA ARG B 66 -30.95 13.33 4.88
C ARG B 66 -30.93 11.98 4.15
N PHE B 67 -29.76 11.53 3.71
CA PHE B 67 -29.63 10.27 2.94
C PHE B 67 -28.92 9.25 3.80
N THR B 68 -29.32 7.98 3.72
CA THR B 68 -28.54 6.91 4.34
C THR B 68 -28.07 5.86 3.32
N ILE B 69 -26.78 5.54 3.36
CA ILE B 69 -26.24 4.55 2.41
C ILE B 69 -26.07 3.26 3.13
N SER B 70 -26.29 2.13 2.48
CA SER B 70 -26.07 0.85 3.20
C SER B 70 -25.82 -0.25 2.20
N ARG B 71 -25.27 -1.35 2.69
CA ARG B 71 -24.94 -2.47 1.82
C ARG B 71 -25.33 -3.76 2.50
N ASP B 72 -25.60 -4.79 1.68
CA ASP B 72 -25.87 -6.16 2.16
C ASP B 72 -24.86 -7.18 1.54
N ASN B 73 -23.86 -7.61 2.31
CA ASN B 73 -22.77 -8.34 1.65
C ASN B 73 -23.12 -9.77 1.26
N ALA B 74 -24.20 -10.31 1.82
CA ALA B 74 -24.68 -11.61 1.42
C ALA B 74 -25.33 -11.58 0.01
N LYS B 75 -26.02 -10.49 -0.34
CA LYS B 75 -26.79 -10.47 -1.60
C LYS B 75 -26.21 -9.55 -2.73
N ASN B 76 -25.09 -8.89 -2.46
CA ASN B 76 -24.40 -8.00 -3.43
C ASN B 76 -25.18 -6.74 -3.83
N MET B 77 -25.82 -6.13 -2.82
CA MET B 77 -26.78 -5.05 -3.03
C MET B 77 -26.33 -3.81 -2.30
N LEU B 78 -26.53 -2.68 -2.96
CA LEU B 78 -26.27 -1.38 -2.34
C LEU B 78 -27.58 -0.61 -2.31
N TYR B 79 -27.77 0.20 -1.28
CA TYR B 79 -29.04 0.91 -1.12
C TYR B 79 -28.73 2.31 -0.72
N LEU B 80 -29.64 3.19 -1.11
CA LEU B 80 -29.64 4.61 -0.77
C LEU B 80 -31.07 5.05 -0.37
N GLN B 81 -31.20 5.62 0.81
CA GLN B 81 -32.52 5.96 1.36
C GLN B 81 -32.63 7.48 1.53
N MET B 82 -33.53 8.10 0.78
CA MET B 82 -33.54 9.55 0.71
C MET B 82 -34.74 10.06 1.48
N SER B 83 -34.50 11.07 2.32
CA SER B 83 -35.51 11.81 3.07
C SER B 83 -35.49 13.29 2.80
N SER B 84 -36.57 13.97 3.15
CA SER B 84 -36.60 15.43 3.13
C SER B 84 -36.06 15.89 1.80
N LEU B 85 -36.60 15.33 0.72
CA LEU B 85 -36.13 15.63 -0.62
C LEU B 85 -36.49 17.05 -1.10
N LYS B 86 -35.57 17.65 -1.86
CA LYS B 86 -35.75 18.99 -2.46
C LYS B 86 -35.59 18.93 -3.95
N PRO B 87 -36.05 19.96 -4.67
CA PRO B 87 -35.89 19.94 -6.15
C PRO B 87 -34.46 19.84 -6.62
N GLU B 88 -33.55 20.42 -5.86
CA GLU B 88 -32.10 20.36 -6.15
C GLU B 88 -31.54 18.92 -6.17
N ASP B 89 -32.24 17.95 -5.57
CA ASP B 89 -31.88 16.54 -5.62
C ASP B 89 -32.28 15.82 -6.94
N THR B 90 -32.88 16.55 -7.88
CA THR B 90 -33.27 15.96 -9.17
C THR B 90 -32.07 15.59 -10.00
N ALA B 91 -32.02 14.35 -10.53
CA ALA B 91 -30.87 13.82 -11.29
C ALA B 91 -30.92 12.37 -11.65
N LEU B 92 -30.00 11.94 -12.51
CA LEU B 92 -29.86 10.48 -12.78
C LEU B 92 -28.96 9.98 -11.69
N TYR B 93 -29.42 9.00 -10.90
CA TYR B 93 -28.58 8.42 -9.83
C TYR B 93 -27.84 7.15 -10.31
N TYR B 94 -26.57 7.04 -9.96
CA TYR B 94 -25.74 5.92 -10.39
C TYR B 94 -24.92 5.31 -9.21
N CYS B 95 -24.62 4.05 -9.36
CA CYS B 95 -23.78 3.31 -8.42
C CYS B 95 -22.52 2.75 -9.10
N ASN B 96 -21.48 2.61 -8.28
CA ASN B 96 -20.19 2.01 -8.66
C ASN B 96 -19.34 1.68 -7.45
N ARG B 97 -18.28 0.90 -7.68
CA ARG B 97 -17.24 0.83 -6.65
C ARG B 97 -16.34 2.02 -6.70
N LEU B 98 -15.56 2.17 -5.63
CA LEU B 98 -14.55 3.21 -5.51
C LEU B 98 -13.24 2.48 -5.32
N PRO B 99 -12.21 2.84 -6.08
CA PRO B 99 -12.24 3.65 -7.31
C PRO B 99 -13.11 3.02 -8.39
N ASN B 100 -13.54 3.80 -9.39
CA ASN B 100 -14.60 3.40 -10.32
C ASN B 100 -14.26 2.33 -11.34
N TYR B 101 -15.12 1.36 -11.54
CA TYR B 101 -15.03 0.49 -12.69
C TYR B 101 -15.27 1.33 -13.93
N ARG B 102 -14.56 0.99 -15.01
CA ARG B 102 -14.57 1.61 -16.37
C ARG B 102 -15.94 1.94 -16.97
N SER B 103 -16.90 1.05 -16.79
CA SER B 103 -18.20 1.11 -17.46
C SER B 103 -19.30 1.35 -16.47
N TRP B 104 -20.18 2.32 -16.73
CA TRP B 104 -21.29 2.67 -15.83
C TRP B 104 -22.58 2.00 -16.24
N GLY B 105 -23.50 1.84 -15.29
CA GLY B 105 -24.83 1.30 -15.60
C GLY B 105 -25.70 2.37 -16.22
N GLN B 106 -26.99 2.05 -16.40
CA GLN B 106 -27.98 2.96 -16.96
C GLN B 106 -28.46 4.03 -15.97
N GLY B 107 -28.35 3.80 -14.68
CA GLY B 107 -28.79 4.77 -13.70
C GLY B 107 -30.29 4.70 -13.51
N THR B 108 -30.82 5.47 -12.56
CA THR B 108 -32.24 5.54 -12.31
C THR B 108 -32.63 7.03 -12.08
N GLN B 109 -33.65 7.49 -12.81
CA GLN B 109 -34.06 8.89 -12.77
C GLN B 109 -34.85 9.19 -11.49
N VAL B 110 -34.47 10.27 -10.81
CA VAL B 110 -35.17 10.81 -9.67
C VAL B 110 -35.55 12.26 -9.98
N THR B 111 -36.82 12.58 -9.77
CA THR B 111 -37.33 13.94 -10.06
C THR B 111 -38.11 14.44 -8.86
N VAL B 112 -37.80 15.66 -8.42
CA VAL B 112 -38.54 16.31 -7.33
C VAL B 112 -39.11 17.66 -7.74
N SER B 113 -40.44 17.70 -7.71
CA SER B 113 -41.17 18.79 -8.31
C SER B 113 -42.39 19.09 -7.49
N SER B 114 -42.56 20.38 -7.16
CA SER B 114 -43.68 20.94 -6.35
C SER B 114 -45.04 20.40 -6.77
N HIS B 115 -45.29 20.31 -8.08
CA HIS B 115 -46.59 19.85 -8.63
C HIS B 115 -46.90 20.64 -9.90
#